data_5HWI
#
_entry.id   5HWI
#
_cell.length_a   110.545
_cell.length_b   110.545
_cell.length_c   42.592
_cell.angle_alpha   90.00
_cell.angle_beta   90.00
_cell.angle_gamma   90.00
#
_symmetry.space_group_name_H-M   'P 42 21 2'
#
loop_
_entity.id
_entity.type
_entity.pdbx_description
1 polymer 'Glutathione-specific gamma-glutamylcyclotransferase'
2 non-polymer 'SUCCINIC ACID'
3 non-polymer GLYCEROL
4 water water
#
_entity_poly.entity_id   1
_entity_poly.type   'polypeptide(L)'
_entity_poly.pdbx_seq_one_letter_code
;MTNDNSGIWVLGYGSLIYKPPSHYTHRIPAIIHGFARRFWQ(MSE)STDHRGTPANPGRVATLIPYEDIIRQTAFLKNVN
MYSESAPIQDPDDLVTIGVVYYIPPEHAQEVREYLNVREQNGYTLHEVEVHLETNREHEAELGE(MSE)LEQLPRHNKSG
KRVLLTSVYIGTIDNEAFVGPET(MSE)DETAKVIAVSHGPSGSNYEYLAKLEQALAQ(MSE)PIMKERGRITDHYLTAL
LETVNKYRHHHHHHHH
;
_entity_poly.pdbx_strand_id   A
#
loop_
_chem_comp.id
_chem_comp.type
_chem_comp.name
_chem_comp.formula
GOL non-polymer GLYCEROL 'C3 H8 O3'
SIN non-polymer 'SUCCINIC ACID' 'C4 H6 O4'
#
# COMPACT_ATOMS: atom_id res chain seq x y z
N ASN A 5 24.91 -9.34 -8.18
CA ASN A 5 23.71 -8.50 -8.29
C ASN A 5 23.68 -7.41 -7.21
N SER A 6 22.77 -6.46 -7.36
N SER A 6 22.75 -6.48 -7.37
CA SER A 6 22.59 -5.46 -6.33
CA SER A 6 22.52 -5.46 -6.37
C SER A 6 21.43 -5.86 -5.42
C SER A 6 21.48 -5.95 -5.37
N GLY A 7 21.38 -5.23 -4.25
CA GLY A 7 20.27 -5.41 -3.35
C GLY A 7 19.06 -4.75 -3.97
N ILE A 8 17.91 -4.91 -3.32
CA ILE A 8 16.67 -4.33 -3.81
C ILE A 8 15.98 -3.62 -2.68
N TRP A 9 15.36 -2.48 -2.98
CA TRP A 9 14.44 -1.84 -2.05
C TRP A 9 13.03 -2.15 -2.54
N VAL A 10 12.23 -2.69 -1.63
CA VAL A 10 10.83 -3.10 -1.90
C VAL A 10 9.93 -2.29 -0.99
N LEU A 11 8.93 -1.64 -1.58
CA LEU A 11 7.97 -0.84 -0.84
C LEU A 11 6.77 -1.73 -0.51
N GLY A 12 6.34 -1.73 0.74
CA GLY A 12 5.08 -2.40 1.13
C GLY A 12 4.08 -1.35 1.55
N TYR A 13 2.84 -1.50 1.08
CA TYR A 13 1.78 -0.58 1.49
C TYR A 13 0.54 -1.35 1.95
N GLY A 14 0.52 -2.67 1.81
CA GLY A 14 -0.61 -3.47 2.30
C GLY A 14 -0.04 -4.52 3.23
N SER A 15 -0.29 -5.80 2.95
CA SER A 15 0.12 -6.84 3.90
C SER A 15 1.64 -6.93 4.01
N LEU A 16 2.39 -6.40 3.03
CA LEU A 16 3.84 -6.41 3.25
C LEU A 16 4.28 -5.53 4.41
N ILE A 17 3.46 -4.58 4.87
CA ILE A 17 3.83 -3.85 6.11
C ILE A 17 3.94 -4.80 7.30
N TYR A 18 2.99 -5.73 7.47
CA TYR A 18 3.04 -6.55 8.66
C TYR A 18 3.39 -8.02 8.43
N LYS A 19 3.51 -8.48 7.19
CA LYS A 19 4.05 -9.80 6.84
C LYS A 19 5.18 -9.53 5.85
N PRO A 20 6.41 -9.29 6.34
CA PRO A 20 7.46 -8.73 5.49
C PRO A 20 8.13 -9.76 4.61
N PRO A 21 8.87 -9.30 3.60
CA PRO A 21 9.77 -10.18 2.85
C PRO A 21 10.71 -10.88 3.82
N SER A 22 11.18 -12.07 3.44
CA SER A 22 12.25 -12.72 4.19
C SER A 22 13.56 -11.98 3.99
N HIS A 23 14.46 -12.08 4.96
CA HIS A 23 15.88 -11.75 4.81
C HIS A 23 16.17 -10.25 4.72
N TYR A 24 15.18 -9.39 4.94
CA TYR A 24 15.47 -7.95 4.83
C TYR A 24 16.44 -7.53 5.93
N THR A 25 17.21 -6.47 5.67
CA THR A 25 18.14 -5.94 6.66
C THR A 25 17.87 -4.50 7.11
N HIS A 26 17.11 -3.72 6.35
CA HIS A 26 16.62 -2.41 6.75
C HIS A 26 15.13 -2.35 6.50
N ARG A 27 14.42 -1.58 7.34
CA ARG A 27 12.99 -1.39 7.22
C ARG A 27 12.72 0.05 7.63
N ILE A 28 12.32 0.90 6.69
CA ILE A 28 12.22 2.35 6.92
C ILE A 28 10.80 2.79 6.59
N PRO A 29 10.15 3.55 7.47
CA PRO A 29 8.89 4.24 7.13
C PRO A 29 9.03 5.13 5.92
N ALA A 30 8.02 5.10 5.06
CA ALA A 30 8.09 5.75 3.76
C ALA A 30 6.80 6.50 3.46
N ILE A 31 6.91 7.75 3.02
CA ILE A 31 5.76 8.56 2.58
C ILE A 31 5.69 8.43 1.07
N ILE A 32 4.60 7.86 0.58
CA ILE A 32 4.41 7.68 -0.86
C ILE A 32 3.57 8.87 -1.35
N HIS A 33 4.18 9.79 -2.08
CA HIS A 33 3.38 10.87 -2.67
C HIS A 33 2.90 10.48 -4.06
N GLY A 34 1.70 10.97 -4.42
CA GLY A 34 1.21 10.78 -5.79
C GLY A 34 0.45 9.48 -6.03
N PHE A 35 0.08 8.77 -4.97
CA PHE A 35 -0.69 7.52 -5.06
C PHE A 35 -1.74 7.51 -3.95
N ALA A 36 -2.87 6.91 -4.26
CA ALA A 36 -3.87 6.63 -3.24
C ALA A 36 -3.99 5.12 -3.08
N ARG A 37 -4.10 4.65 -1.83
CA ARG A 37 -4.34 3.23 -1.57
C ARG A 37 -5.85 3.00 -1.53
N ARG A 38 -6.31 2.02 -2.30
CA ARG A 38 -7.74 1.65 -2.30
C ARG A 38 -7.87 0.15 -2.24
N PHE A 39 -8.97 -0.33 -1.65
CA PHE A 39 -9.21 -1.78 -1.61
C PHE A 39 -9.99 -2.21 -2.85
N TRP A 40 -9.37 -1.96 -4.01
CA TRP A 40 -10.03 -2.13 -5.30
C TRP A 40 -9.42 -3.26 -6.12
N GLN A 41 -8.74 -4.21 -5.44
CA GLN A 41 -8.19 -5.40 -6.08
C GLN A 41 -8.94 -6.59 -5.49
N MSE A 42 -9.50 -7.44 -6.35
N MSE A 42 -9.53 -7.43 -6.34
CA MSE A 42 -10.19 -8.63 -5.85
CA MSE A 42 -10.20 -8.57 -5.72
C MSE A 42 -9.17 -9.68 -5.37
C MSE A 42 -9.19 -9.70 -5.40
O MSE A 42 -8.00 -9.68 -5.80
O MSE A 42 -8.09 -9.80 -5.98
CB MSE A 42 -11.15 -9.20 -6.92
CB MSE A 42 -11.36 -9.08 -6.59
CG MSE A 42 -10.62 -10.32 -7.81
CG MSE A 42 -10.98 -9.62 -7.91
SE MSE A 42 -12.07 -11.08 -8.93
SE MSE A 42 -12.67 -10.04 -8.85
CE MSE A 42 -12.38 -9.51 -10.08
CE MSE A 42 -12.33 -9.01 -10.47
N SER A 43 -9.57 -10.52 -4.41
CA SER A 43 -8.73 -11.60 -3.92
C SER A 43 -9.54 -12.90 -3.97
N THR A 44 -9.14 -13.82 -4.84
CA THR A 44 -9.81 -15.10 -4.95
C THR A 44 -8.96 -16.22 -4.42
N ASP A 45 -7.72 -15.92 -3.98
CA ASP A 45 -6.77 -16.96 -3.60
C ASP A 45 -6.28 -16.82 -2.17
N HIS A 46 -6.40 -15.63 -1.57
CA HIS A 46 -5.88 -15.36 -0.24
C HIS A 46 -6.98 -14.96 0.74
N ARG A 47 -7.70 -13.89 0.42
CA ARG A 47 -8.63 -13.35 1.39
C ARG A 47 -10.05 -13.47 0.94
N GLY A 48 -10.30 -14.33 -0.04
CA GLY A 48 -11.64 -14.60 -0.50
C GLY A 48 -11.54 -15.84 -1.36
N THR A 49 -12.59 -16.13 -2.10
CA THR A 49 -12.66 -17.36 -2.86
C THR A 49 -13.12 -17.02 -4.26
N PRO A 50 -13.05 -17.95 -5.22
CA PRO A 50 -13.70 -17.71 -6.52
C PRO A 50 -15.20 -17.43 -6.43
N ALA A 51 -15.92 -18.11 -5.54
CA ALA A 51 -17.35 -17.83 -5.37
C ALA A 51 -17.59 -16.46 -4.74
N ASN A 52 -16.79 -16.09 -3.75
CA ASN A 52 -16.92 -14.83 -3.01
C ASN A 52 -15.57 -14.13 -2.90
N PRO A 53 -15.18 -13.35 -3.91
CA PRO A 53 -13.85 -12.72 -3.89
C PRO A 53 -13.77 -11.63 -2.85
N GLY A 54 -12.62 -11.55 -2.19
CA GLY A 54 -12.38 -10.54 -1.18
C GLY A 54 -11.90 -9.26 -1.85
N ARG A 55 -11.42 -8.34 -1.01
CA ARG A 55 -10.77 -7.11 -1.47
C ARG A 55 -9.46 -6.92 -0.75
N VAL A 56 -8.43 -6.63 -1.51
CA VAL A 56 -7.11 -6.33 -0.94
C VAL A 56 -6.61 -5.02 -1.59
N ALA A 57 -5.43 -4.56 -1.11
CA ALA A 57 -4.99 -3.18 -1.38
C ALA A 57 -4.25 -3.08 -2.68
N THR A 58 -4.45 -1.94 -3.36
CA THR A 58 -3.60 -1.59 -4.48
C THR A 58 -3.38 -0.08 -4.44
N LEU A 59 -2.37 0.39 -5.16
CA LEU A 59 -2.09 1.82 -5.25
C LEU A 59 -2.57 2.34 -6.60
N ILE A 60 -3.24 3.48 -6.57
CA ILE A 60 -3.73 4.11 -7.78
C ILE A 60 -2.97 5.41 -8.01
N PRO A 61 -2.27 5.56 -9.12
CA PRO A 61 -1.45 6.75 -9.31
C PRO A 61 -2.33 7.94 -9.67
N TYR A 62 -1.82 9.13 -9.34
CA TYR A 62 -2.45 10.39 -9.72
C TYR A 62 -2.78 10.41 -11.19
N GLU A 63 -1.86 9.95 -12.04
CA GLU A 63 -2.13 10.07 -13.49
C GLU A 63 -3.33 9.21 -13.93
N ASP A 64 -3.68 8.18 -13.17
CA ASP A 64 -4.91 7.45 -13.46
C ASP A 64 -6.11 8.08 -12.78
N ILE A 65 -5.90 8.65 -11.60
CA ILE A 65 -7.00 9.31 -10.88
C ILE A 65 -7.60 10.41 -11.74
N ILE A 66 -6.76 11.20 -12.43
CA ILE A 66 -7.28 12.33 -13.16
C ILE A 66 -7.83 11.91 -14.51
N ARG A 67 -7.85 10.60 -14.80
CA ARG A 67 -8.42 10.14 -16.06
C ARG A 67 -9.83 9.56 -15.93
N GLN A 68 -10.38 9.47 -14.73
CA GLN A 68 -11.77 9.03 -14.52
C GLN A 68 -12.46 9.86 -13.45
N THR A 69 -13.64 10.40 -13.80
N THR A 69 -13.64 10.40 -13.79
CA THR A 69 -14.41 11.23 -12.88
CA THR A 69 -14.38 11.24 -12.85
C THR A 69 -14.65 10.51 -11.54
C THR A 69 -14.64 10.51 -11.53
N ALA A 70 -14.97 9.21 -11.59
CA ALA A 70 -15.27 8.48 -10.37
C ALA A 70 -14.06 8.41 -9.44
N PHE A 71 -12.85 8.29 -10.01
CA PHE A 71 -11.64 8.23 -9.19
C PHE A 71 -11.38 9.57 -8.52
N LEU A 72 -11.52 10.65 -9.29
CA LEU A 72 -11.26 12.00 -8.77
C LEU A 72 -12.25 12.35 -7.66
N LYS A 73 -13.54 12.04 -7.87
CA LYS A 73 -14.56 12.26 -6.83
C LYS A 73 -14.22 11.49 -5.54
N ASN A 74 -13.83 10.24 -5.68
CA ASN A 74 -13.55 9.41 -4.53
C ASN A 74 -12.35 9.92 -3.74
N VAL A 75 -11.29 10.34 -4.44
CA VAL A 75 -10.13 10.81 -3.70
C VAL A 75 -10.45 12.11 -2.97
N ASN A 76 -11.23 13.00 -3.58
CA ASN A 76 -11.61 14.23 -2.90
C ASN A 76 -12.51 13.95 -1.70
N MET A 77 -13.41 12.99 -1.81
CA MET A 77 -14.33 12.67 -0.72
C MET A 77 -13.54 12.37 0.55
N TYR A 78 -12.43 11.66 0.43
CA TYR A 78 -11.80 11.13 1.62
C TYR A 78 -10.57 11.92 2.03
N SER A 79 -10.19 12.95 1.29
CA SER A 79 -8.92 13.61 1.54
C SER A 79 -9.13 14.91 2.31
N GLU A 80 -8.21 15.21 3.22
CA GLU A 80 -8.17 16.53 3.83
C GLU A 80 -7.78 17.61 2.83
N SER A 81 -6.99 17.26 1.82
CA SER A 81 -6.50 18.24 0.87
C SER A 81 -7.50 18.54 -0.22
N ALA A 82 -8.74 18.07 -0.08
CA ALA A 82 -9.71 18.32 -1.12
C ALA A 82 -9.85 19.82 -1.33
N PRO A 83 -9.91 20.28 -2.60
CA PRO A 83 -9.73 19.44 -3.78
C PRO A 83 -8.28 19.12 -4.03
N ILE A 84 -8.00 17.88 -4.43
CA ILE A 84 -6.65 17.47 -4.80
C ILE A 84 -6.17 18.31 -5.98
N GLN A 85 -5.04 19.02 -5.81
CA GLN A 85 -4.57 19.95 -6.84
C GLN A 85 -3.35 19.46 -7.62
N ASP A 86 -2.63 18.48 -7.11
CA ASP A 86 -1.34 18.08 -7.66
C ASP A 86 -0.96 16.74 -7.05
N PRO A 87 -0.09 15.99 -7.71
CA PRO A 87 0.24 14.64 -7.21
C PRO A 87 0.74 14.61 -5.78
N ASP A 88 1.49 15.62 -5.33
CA ASP A 88 1.95 15.59 -3.94
C ASP A 88 0.83 15.75 -2.92
N ASP A 89 -0.39 16.14 -3.33
CA ASP A 89 -1.50 16.16 -2.40
C ASP A 89 -1.99 14.76 -2.03
N LEU A 90 -1.66 13.73 -2.80
CA LEU A 90 -2.02 12.37 -2.47
C LEU A 90 -0.89 11.79 -1.63
N VAL A 91 -1.21 11.31 -0.44
CA VAL A 91 -0.20 10.78 0.47
C VAL A 91 -0.66 9.41 0.90
N THR A 92 0.22 8.41 0.77
CA THR A 92 -0.05 7.07 1.32
C THR A 92 1.17 6.71 2.13
N ILE A 93 0.97 6.15 3.33
CA ILE A 93 2.08 5.70 4.15
C ILE A 93 2.37 4.25 3.87
N GLY A 94 3.67 3.90 3.83
CA GLY A 94 4.07 2.51 3.79
C GLY A 94 5.47 2.32 4.44
N VAL A 95 6.13 1.22 4.12
N VAL A 95 6.14 1.23 4.05
CA VAL A 95 7.50 1.00 4.58
CA VAL A 95 7.44 0.84 4.61
C VAL A 95 8.29 0.47 3.41
C VAL A 95 8.32 0.29 3.49
N VAL A 96 9.60 0.73 3.42
CA VAL A 96 10.47 0.16 2.43
C VAL A 96 11.42 -0.81 3.13
N TYR A 97 11.66 -1.96 2.47
CA TYR A 97 12.57 -2.99 2.95
C TYR A 97 13.80 -3.03 2.06
N TYR A 98 14.99 -3.23 2.65
CA TYR A 98 16.17 -3.52 1.85
C TYR A 98 16.46 -5.00 1.93
N ILE A 99 16.56 -5.64 0.78
N ILE A 99 16.57 -5.65 0.78
CA ILE A 99 17.02 -7.03 0.67
CA ILE A 99 17.03 -7.05 0.73
C ILE A 99 18.44 -6.99 0.11
C ILE A 99 18.42 -7.04 0.11
N PRO A 100 19.43 -7.49 0.84
CA PRO A 100 20.81 -7.43 0.35
C PRO A 100 21.05 -8.31 -0.86
N PRO A 101 22.11 -8.03 -1.62
CA PRO A 101 22.37 -8.81 -2.85
C PRO A 101 22.31 -10.34 -2.70
N GLU A 102 22.82 -10.89 -1.59
CA GLU A 102 22.89 -12.34 -1.44
C GLU A 102 21.50 -13.00 -1.45
N HIS A 103 20.44 -12.27 -1.09
CA HIS A 103 19.12 -12.84 -1.07
C HIS A 103 18.17 -12.21 -2.05
N ALA A 104 18.58 -11.17 -2.76
CA ALA A 104 17.63 -10.38 -3.53
C ALA A 104 16.93 -11.24 -4.58
N GLN A 105 17.68 -12.12 -5.24
CA GLN A 105 17.10 -12.93 -6.30
C GLN A 105 15.99 -13.82 -5.76
N GLU A 106 16.23 -14.48 -4.61
CA GLU A 106 15.24 -15.43 -4.10
C GLU A 106 14.04 -14.69 -3.55
N VAL A 107 14.29 -13.56 -2.87
CA VAL A 107 13.16 -12.84 -2.30
C VAL A 107 12.30 -12.26 -3.41
N ARG A 108 12.91 -11.83 -4.51
CA ARG A 108 12.12 -11.36 -5.65
C ARG A 108 11.18 -12.44 -6.15
N GLU A 109 11.68 -13.68 -6.24
CA GLU A 109 10.84 -14.78 -6.73
C GLU A 109 9.70 -15.09 -5.75
N TYR A 110 9.99 -15.08 -4.45
CA TYR A 110 8.94 -15.25 -3.45
C TYR A 110 7.88 -14.16 -3.59
N LEU A 111 8.32 -12.91 -3.72
CA LEU A 111 7.33 -11.82 -3.78
C LEU A 111 6.53 -11.86 -5.08
N ASN A 112 7.16 -12.30 -6.17
CA ASN A 112 6.41 -12.47 -7.42
C ASN A 112 5.33 -13.54 -7.29
N VAL A 113 5.58 -14.59 -6.54
CA VAL A 113 4.54 -15.61 -6.39
C VAL A 113 3.51 -15.14 -5.38
N ARG A 114 3.95 -14.56 -4.27
CA ARG A 114 3.03 -14.02 -3.28
C ARG A 114 2.03 -13.03 -3.91
N GLU A 115 2.49 -12.19 -4.85
CA GLU A 115 1.65 -11.19 -5.50
C GLU A 115 1.19 -11.61 -6.90
N GLN A 116 0.98 -12.91 -7.15
CA GLN A 116 0.68 -13.35 -8.51
C GLN A 116 -0.70 -12.85 -9.01
N ASN A 117 -1.64 -12.60 -8.11
CA ASN A 117 -3.02 -12.34 -8.51
C ASN A 117 -3.20 -10.89 -9.03
N GLY A 118 -2.58 -10.60 -10.19
CA GLY A 118 -2.81 -9.38 -10.93
C GLY A 118 -1.90 -8.19 -10.64
N TYR A 119 -0.88 -8.34 -9.79
CA TYR A 119 0.01 -7.23 -9.49
C TYR A 119 1.16 -7.24 -10.47
N THR A 120 1.63 -6.06 -10.85
CA THR A 120 2.82 -5.96 -11.66
C THR A 120 3.87 -5.12 -10.93
N LEU A 121 5.13 -5.26 -11.36
CA LEU A 121 6.25 -4.64 -10.66
C LEU A 121 6.57 -3.28 -11.28
N HIS A 122 6.72 -2.26 -10.44
CA HIS A 122 6.99 -0.89 -10.88
C HIS A 122 8.05 -0.25 -9.99
N GLU A 123 8.57 0.90 -10.41
CA GLU A 123 9.51 1.65 -9.59
C GLU A 123 8.92 3.03 -9.29
N VAL A 124 8.91 3.42 -8.01
CA VAL A 124 8.33 4.70 -7.59
C VAL A 124 9.26 5.37 -6.59
N GLU A 125 9.12 6.69 -6.47
CA GLU A 125 9.86 7.48 -5.47
C GLU A 125 9.08 7.57 -4.16
N VAL A 126 9.79 7.44 -3.02
CA VAL A 126 9.16 7.64 -1.71
C VAL A 126 10.03 8.56 -0.91
N HIS A 127 9.42 9.24 0.06
CA HIS A 127 10.17 10.10 0.96
C HIS A 127 10.44 9.29 2.23
N LEU A 128 11.71 9.26 2.68
CA LEU A 128 12.01 8.42 3.82
C LEU A 128 11.78 9.16 5.14
N GLU A 129 11.16 8.47 6.08
CA GLU A 129 11.06 9.04 7.44
C GLU A 129 11.96 8.20 8.34
N THR A 130 13.21 8.65 8.48
CA THR A 130 14.22 7.86 9.17
C THR A 130 14.26 8.18 10.65
N ASN A 131 14.67 7.20 11.45
CA ASN A 131 14.97 7.49 12.84
C ASN A 131 16.49 7.58 13.00
N ARG A 132 16.95 7.80 14.24
CA ARG A 132 18.39 8.04 14.45
C ARG A 132 19.21 6.79 14.18
N GLU A 133 18.66 5.60 14.44
CA GLU A 133 19.33 4.37 14.11
C GLU A 133 19.52 4.20 12.60
N HIS A 134 18.47 4.50 11.82
CA HIS A 134 18.64 4.53 10.35
C HIS A 134 19.75 5.49 10.01
N GLU A 135 19.78 6.64 10.67
CA GLU A 135 20.76 7.64 10.27
C GLU A 135 22.16 7.22 10.65
N ALA A 136 22.28 6.34 11.64
CA ALA A 136 23.58 5.87 12.08
C ALA A 136 24.09 4.76 11.18
N GLU A 137 23.19 3.91 10.72
CA GLU A 137 23.53 2.74 9.93
C GLU A 137 23.58 3.06 8.44
N LEU A 138 22.78 4.02 7.98
CA LEU A 138 22.65 4.29 6.56
C LEU A 138 23.01 5.74 6.21
N GLY A 139 23.67 6.47 7.12
CA GLY A 139 23.93 7.88 6.88
C GLY A 139 24.69 8.14 5.60
N GLU A 140 25.65 7.26 5.27
CA GLU A 140 26.43 7.50 4.04
C GLU A 140 25.51 7.40 2.81
N MSE A 141 24.55 6.46 2.81
CA MSE A 141 23.61 6.40 1.71
C MSE A 141 22.63 7.61 1.72
O MSE A 141 22.43 8.29 0.70
CB MSE A 141 22.75 5.11 1.71
CG MSE A 141 21.78 5.05 0.51
SE MSE A 141 20.39 3.68 0.81
CE MSE A 141 19.26 4.59 2.04
N LEU A 142 22.08 7.93 2.90
CA LEU A 142 21.07 8.99 2.92
C LEU A 142 21.64 10.29 2.40
N GLU A 143 22.90 10.57 2.72
CA GLU A 143 23.55 11.81 2.28
C GLU A 143 23.64 11.90 0.76
N GLN A 144 23.55 10.79 0.06
CA GLN A 144 23.64 10.79 -1.39
C GLN A 144 22.27 10.83 -2.06
N LEU A 145 21.22 10.72 -1.31
CA LEU A 145 19.88 10.84 -1.88
C LEU A 145 19.50 12.31 -2.00
N PRO A 146 18.72 12.67 -3.01
CA PRO A 146 18.22 14.05 -3.10
C PRO A 146 17.25 14.36 -1.97
N ARG A 147 17.28 15.60 -1.49
CA ARG A 147 16.25 16.08 -0.55
C ARG A 147 15.11 16.71 -1.33
N HIS A 148 13.88 16.35 -1.00
CA HIS A 148 12.73 16.93 -1.67
C HIS A 148 12.58 18.39 -1.27
N ASN A 149 12.29 19.25 -2.25
CA ASN A 149 12.31 20.68 -1.98
C ASN A 149 11.19 21.09 -1.01
N LYS A 150 10.04 20.44 -1.09
CA LYS A 150 8.96 20.81 -0.20
C LYS A 150 9.10 20.11 1.16
N SER A 151 9.22 18.78 1.16
CA SER A 151 9.17 18.02 2.40
C SER A 151 10.48 18.03 3.18
N GLY A 152 11.60 18.32 2.52
CA GLY A 152 12.89 18.18 3.15
C GLY A 152 13.33 16.76 3.47
N LYS A 153 12.63 15.73 3.00
CA LYS A 153 13.00 14.35 3.25
C LYS A 153 13.84 13.79 2.09
N ARG A 154 14.65 12.79 2.42
CA ARG A 154 15.42 12.09 1.40
C ARG A 154 14.48 11.27 0.51
N VAL A 155 14.71 11.31 -0.80
CA VAL A 155 13.86 10.59 -1.76
C VAL A 155 14.60 9.37 -2.28
N LEU A 156 13.89 8.22 -2.27
CA LEU A 156 14.45 6.93 -2.62
C LEU A 156 13.62 6.28 -3.71
N LEU A 157 14.28 5.76 -4.76
CA LEU A 157 13.62 4.97 -5.79
C LEU A 157 13.48 3.53 -5.29
N THR A 158 12.24 3.00 -5.26
N THR A 158 12.24 3.02 -5.33
CA THR A 158 11.98 1.67 -4.70
CA THR A 158 11.88 1.70 -4.81
C THR A 158 11.03 0.90 -5.59
C THR A 158 11.20 0.87 -5.88
N SER A 159 11.18 -0.45 -5.66
CA SER A 159 10.27 -1.29 -6.43
C SER A 159 8.99 -1.48 -5.60
N VAL A 160 7.91 -1.79 -6.30
CA VAL A 160 6.59 -1.83 -5.64
C VAL A 160 5.67 -2.70 -6.51
N TYR A 161 4.80 -3.51 -5.86
CA TYR A 161 3.79 -4.28 -6.58
C TYR A 161 2.46 -3.54 -6.60
N ILE A 162 1.90 -3.36 -7.80
CA ILE A 162 0.70 -2.53 -7.99
C ILE A 162 -0.25 -3.31 -8.89
N GLY A 163 -1.52 -3.39 -8.47
CA GLY A 163 -2.58 -3.90 -9.36
C GLY A 163 -3.04 -2.71 -10.17
N THR A 164 -2.62 -2.62 -11.43
CA THR A 164 -2.95 -1.46 -12.24
C THR A 164 -4.42 -1.51 -12.67
N ILE A 165 -4.91 -0.35 -13.10
CA ILE A 165 -6.32 -0.26 -13.40
C ILE A 165 -6.71 -1.22 -14.51
N ASP A 166 -5.73 -1.70 -15.28
CA ASP A 166 -5.87 -2.63 -16.41
C ASP A 166 -5.89 -4.10 -16.04
N ASN A 167 -5.49 -4.48 -14.83
CA ASN A 167 -5.32 -5.90 -14.54
C ASN A 167 -6.68 -6.57 -14.33
N GLU A 168 -6.69 -7.89 -14.55
CA GLU A 168 -7.93 -8.67 -14.50
C GLU A 168 -8.61 -8.64 -13.13
N ALA A 169 -7.86 -8.42 -12.05
CA ALA A 169 -8.44 -8.45 -10.72
C ALA A 169 -8.89 -7.06 -10.24
N PHE A 170 -8.75 -6.03 -11.06
CA PHE A 170 -9.09 -4.68 -10.62
C PHE A 170 -10.61 -4.50 -10.66
N VAL A 171 -11.20 -4.06 -9.55
CA VAL A 171 -12.65 -3.85 -9.49
C VAL A 171 -13.02 -2.40 -9.29
N GLY A 172 -12.06 -1.48 -9.29
CA GLY A 172 -12.38 -0.09 -8.99
C GLY A 172 -13.01 0.57 -10.22
N PRO A 173 -13.69 1.71 -10.04
CA PRO A 173 -14.01 2.34 -8.75
C PRO A 173 -15.10 1.54 -8.06
N GLU A 174 -15.10 1.53 -6.73
CA GLU A 174 -16.16 0.83 -6.01
C GLU A 174 -16.54 1.70 -4.82
N THR A 175 -17.84 1.82 -4.54
CA THR A 175 -18.27 2.63 -3.41
C THR A 175 -17.93 1.91 -2.11
N MSE A 176 -17.77 2.70 -1.06
CA MSE A 176 -17.31 2.18 0.22
C MSE A 176 -18.31 1.16 0.77
O MSE A 176 -17.91 0.15 1.36
CB MSE A 176 -17.12 3.29 1.24
CG MSE A 176 -16.68 2.73 2.63
SE MSE A 176 -15.77 4.09 3.61
CE MSE A 176 -14.21 4.22 2.42
N ASP A 177 -19.61 1.42 0.53
CA ASP A 177 -20.63 0.48 1.01
C ASP A 177 -20.42 -0.91 0.44
N GLU A 178 -20.17 -0.99 -0.88
CA GLU A 178 -19.95 -2.30 -1.52
C GLU A 178 -18.64 -2.93 -1.04
N THR A 179 -17.54 -2.14 -1.01
CA THR A 179 -16.26 -2.69 -0.55
C THR A 179 -16.38 -3.22 0.87
N ALA A 180 -17.04 -2.46 1.75
CA ALA A 180 -17.08 -2.83 3.16
C ALA A 180 -17.91 -4.11 3.38
N LYS A 181 -19.06 -4.26 2.69
CA LYS A 181 -19.80 -5.51 2.84
C LYS A 181 -18.96 -6.73 2.47
N VAL A 182 -18.17 -6.63 1.41
CA VAL A 182 -17.34 -7.75 0.99
C VAL A 182 -16.27 -8.02 2.03
N ILE A 183 -15.57 -6.98 2.48
CA ILE A 183 -14.50 -7.21 3.47
C ILE A 183 -15.08 -7.80 4.75
N ALA A 184 -16.29 -7.39 5.12
CA ALA A 184 -16.87 -7.84 6.39
C ALA A 184 -17.09 -9.36 6.44
N VAL A 185 -17.28 -10.02 5.30
CA VAL A 185 -17.65 -11.43 5.31
C VAL A 185 -16.69 -12.33 4.53
N SER A 186 -15.85 -11.81 3.64
CA SER A 186 -15.05 -12.71 2.81
C SER A 186 -13.95 -13.39 3.62
N HIS A 187 -13.55 -14.56 3.15
CA HIS A 187 -12.55 -15.31 3.90
C HIS A 187 -11.89 -16.25 2.91
N GLY A 188 -10.57 -16.31 2.93
CA GLY A 188 -9.89 -17.19 2.00
C GLY A 188 -8.85 -18.04 2.69
N PRO A 189 -8.04 -18.76 1.91
CA PRO A 189 -7.03 -19.65 2.52
C PRO A 189 -6.07 -18.93 3.46
N SER A 190 -5.78 -17.65 3.23
CA SER A 190 -4.89 -16.88 4.10
C SER A 190 -5.56 -16.42 5.38
N GLY A 191 -6.90 -16.39 5.42
CA GLY A 191 -7.57 -15.91 6.60
C GLY A 191 -8.73 -15.00 6.23
N SER A 192 -9.43 -14.43 7.21
CA SER A 192 -10.52 -13.54 6.85
C SER A 192 -10.02 -12.29 6.15
N ASN A 193 -10.90 -11.76 5.30
CA ASN A 193 -10.64 -10.50 4.67
C ASN A 193 -10.59 -9.42 5.71
N TYR A 194 -11.36 -9.61 6.79
CA TYR A 194 -11.36 -8.62 7.86
C TYR A 194 -9.97 -8.47 8.50
N GLU A 195 -9.32 -9.60 8.79
CA GLU A 195 -7.98 -9.61 9.40
C GLU A 195 -6.99 -8.85 8.54
N TYR A 196 -7.07 -8.97 7.20
CA TYR A 196 -6.15 -8.27 6.34
C TYR A 196 -6.31 -6.77 6.50
N LEU A 197 -7.55 -6.25 6.53
CA LEU A 197 -7.75 -4.82 6.70
C LEU A 197 -7.36 -4.36 8.11
N ALA A 198 -7.80 -5.11 9.14
CA ALA A 198 -7.62 -4.70 10.53
C ALA A 198 -6.13 -4.67 10.86
N LYS A 199 -5.39 -5.71 10.41
CA LYS A 199 -3.94 -5.71 10.68
C LYS A 199 -3.22 -4.58 9.93
N LEU A 200 -3.73 -4.21 8.74
CA LEU A 200 -3.07 -3.13 7.99
C LEU A 200 -3.32 -1.81 8.70
N GLU A 201 -4.58 -1.57 9.09
CA GLU A 201 -4.85 -0.32 9.80
C GLU A 201 -4.08 -0.23 11.13
N GLN A 202 -3.97 -1.35 11.87
CA GLN A 202 -3.19 -1.37 13.12
C GLN A 202 -1.73 -1.13 12.85
N ALA A 203 -1.20 -1.76 11.78
CA ALA A 203 0.22 -1.60 11.51
C ALA A 203 0.52 -0.16 11.14
N LEU A 204 -0.41 0.52 10.47
CA LEU A 204 -0.20 1.96 10.17
C LEU A 204 -0.41 2.84 11.41
N ALA A 205 -1.44 2.54 12.21
CA ALA A 205 -1.75 3.31 13.40
C ALA A 205 -0.63 3.23 14.44
N GLN A 206 0.10 2.13 14.44
CA GLN A 206 1.16 1.89 15.40
C GLN A 206 2.54 2.31 14.87
N MSE A 207 2.58 2.91 13.72
CA MSE A 207 3.85 3.40 13.19
C MSE A 207 4.17 4.75 13.79
O MSE A 207 3.32 5.61 13.79
CB MSE A 207 3.79 3.51 11.66
CG MSE A 207 3.99 2.22 11.01
SE MSE A 207 4.25 2.51 9.06
CE MSE A 207 5.75 3.64 9.20
N PRO A 208 5.34 4.98 14.26
CA PRO A 208 5.62 6.27 14.91
C PRO A 208 5.83 7.40 13.88
N ILE A 209 4.89 7.54 12.96
CA ILE A 209 4.83 8.62 11.98
C ILE A 209 3.76 9.59 12.41
N MET A 210 4.19 10.80 12.76
CA MET A 210 3.28 11.82 13.25
C MET A 210 2.70 12.66 12.11
N LYS A 211 1.56 13.29 12.41
CA LYS A 211 1.04 14.38 11.57
C LYS A 211 2.13 15.42 11.31
N GLU A 212 2.26 15.85 10.07
CA GLU A 212 3.22 16.92 9.75
C GLU A 212 2.47 18.14 9.21
N THR A 217 -3.49 13.95 4.95
CA THR A 217 -4.09 12.64 5.28
C THR A 217 -5.30 12.23 4.40
N ASP A 218 -5.23 11.00 3.92
CA ASP A 218 -6.32 10.32 3.23
C ASP A 218 -7.06 9.45 4.27
N HIS A 219 -8.31 9.79 4.56
CA HIS A 219 -9.11 9.12 5.60
C HIS A 219 -9.78 7.84 5.09
N TYR A 220 -9.47 7.41 3.86
CA TYR A 220 -10.19 6.29 3.26
C TYR A 220 -10.08 5.06 4.13
N LEU A 221 -8.86 4.75 4.58
CA LEU A 221 -8.67 3.47 5.23
C LEU A 221 -9.41 3.43 6.55
N THR A 222 -9.33 4.51 7.34
CA THR A 222 -10.02 4.48 8.64
C THR A 222 -11.53 4.53 8.44
N ALA A 223 -12.03 5.29 7.45
CA ALA A 223 -13.45 5.25 7.11
C ALA A 223 -13.87 3.84 6.69
N LEU A 224 -13.04 3.18 5.87
CA LEU A 224 -13.40 1.81 5.43
C LEU A 224 -13.52 0.88 6.63
N LEU A 225 -12.53 0.90 7.53
CA LEU A 225 -12.58 0.01 8.70
C LEU A 225 -13.79 0.30 9.57
N GLU A 226 -14.12 1.58 9.77
CA GLU A 226 -15.33 1.90 10.51
C GLU A 226 -16.59 1.32 9.85
N THR A 227 -16.67 1.38 8.52
CA THR A 227 -17.85 0.85 7.85
C THR A 227 -17.88 -0.68 7.92
N VAL A 228 -16.71 -1.31 7.71
CA VAL A 228 -16.61 -2.77 7.80
C VAL A 228 -17.06 -3.24 9.18
N ASN A 229 -16.66 -2.53 10.23
CA ASN A 229 -17.01 -2.93 11.59
C ASN A 229 -18.51 -2.86 11.84
N LYS A 230 -19.20 -1.91 11.20
CA LYS A 230 -20.66 -1.82 11.35
C LYS A 230 -21.36 -2.98 10.63
N TYR A 231 -20.83 -3.40 9.49
CA TYR A 231 -21.41 -4.50 8.75
C TYR A 231 -21.07 -5.85 9.39
N ARG A 232 -19.91 -5.96 10.02
CA ARG A 232 -19.53 -7.20 10.70
C ARG A 232 -20.63 -7.70 11.66
N HIS A 233 -20.80 -9.03 11.71
CA HIS A 233 -21.76 -9.70 12.62
C HIS A 233 -23.21 -9.27 12.38
N HIS A 234 -23.53 -8.90 11.12
CA HIS A 234 -24.89 -8.54 10.72
C HIS A 234 -25.23 -9.16 9.37
N HIS A 235 -24.54 -10.24 9.02
CA HIS A 235 -24.85 -11.08 7.86
C HIS A 235 -26.21 -11.77 8.04
N HIS A 236 -26.79 -12.20 6.92
CA HIS A 236 -28.11 -12.81 6.98
C HIS A 236 -28.11 -14.12 7.79
N HIS A 237 -27.00 -14.84 7.81
CA HIS A 237 -26.93 -16.07 8.62
C HIS A 237 -26.08 -15.90 9.88
C1 SIN B . 1.89 -4.52 -0.54
O1 SIN B . 1.61 -4.91 0.62
O2 SIN B . 2.70 -3.57 -0.70
C2 SIN B . 1.28 -5.22 -1.75
C3 SIN B . -0.12 -5.79 -1.49
C4 SIN B . -0.09 -6.93 -0.48
O3 SIN B . 0.86 -7.77 -0.50
O4 SIN B . -1.02 -7.02 0.40
C1 GOL C . -8.85 -22.00 -6.52
O1 GOL C . -9.02 -21.80 -5.12
C2 GOL C . -7.82 -20.99 -7.01
O2 GOL C . -8.36 -19.71 -7.23
C3 GOL C . -7.04 -21.46 -8.24
O3 GOL C . -6.30 -20.34 -8.66
#